data_8PJZ
#
_entry.id   8PJZ
#
_cell.length_a   34.583
_cell.length_b   50.047
_cell.length_c   70.787
_cell.angle_alpha   90.000
_cell.angle_beta   90.000
_cell.angle_gamma   90.000
#
_symmetry.space_group_name_H-M   'P 1'
#
loop_
_entity.id
_entity.type
_entity.pdbx_description
1 polymer SAKe6EEtal
2 water water
#
_entity_poly.entity_id   1
_entity_poly.type   'polypeptide(L)'
_entity_poly.pdbx_seq_one_letter_code
;GSHMNGHIYAVGGYDGSPDGHTHLNSVEAYDPERDEWSLVAPMNTRRSGVGVAVLDGHIYAVGGYDGHTHLNSVEAYDPE
RDEWHMVTPMNTRRSGVGVAVLNGHIYAVGGYDGSPDGHTHLNSVEAYDPERDEWSLVAPMNTRRSGVGVAVLDGHIYAV
GGYDGHTHLNSVEAYDPERDEWHMVTPMNTRRSGVGVAVLNGHIYAVGGYDGSPDGHTHLNSVEAYDPERDEWSLVAPMN
TRRSGVGVAVLDGHIYAVGGYDGHTHLNSVEAYDPERDEWHMVTPMNTRRSGVGVAVL
;
_entity_poly.pdbx_strand_id   A,B
#
# COMPACT_ATOMS: atom_id res chain seq x y z
N GLY A 6 -4.76 30.44 3.53
CA GLY A 6 -5.69 29.57 2.87
C GLY A 6 -6.42 28.73 3.92
N HIS A 7 -7.68 28.45 3.63
CA HIS A 7 -8.52 27.66 4.53
C HIS A 7 -9.06 26.44 3.82
N ILE A 8 -9.30 25.39 4.55
CA ILE A 8 -9.98 24.21 4.02
C ILE A 8 -11.41 24.26 4.48
N TYR A 9 -12.35 24.20 3.55
CA TYR A 9 -13.77 24.22 3.90
C TYR A 9 -14.34 22.81 3.83
N ALA A 10 -15.02 22.36 4.89
CA ALA A 10 -15.77 21.10 4.91
C ALA A 10 -17.24 21.47 4.75
N VAL A 11 -17.87 20.97 3.70
CA VAL A 11 -19.19 21.41 3.24
C VAL A 11 -20.17 20.27 3.35
N GLY A 12 -21.21 20.45 4.17
CA GLY A 12 -22.29 19.42 4.21
C GLY A 12 -21.79 18.10 4.72
N GLY A 13 -22.40 17.02 4.19
CA GLY A 13 -22.12 15.69 4.66
C GLY A 13 -23.28 15.17 5.50
N TYR A 14 -22.99 14.09 6.23
CA TYR A 14 -24.01 13.36 6.94
C TYR A 14 -23.44 13.02 8.29
N ASP A 15 -24.15 13.41 9.32
CA ASP A 15 -23.90 12.94 10.66
C ASP A 15 -24.96 11.89 10.98
N GLY A 16 -24.56 10.66 10.91
CA GLY A 16 -25.39 9.49 11.15
C GLY A 16 -25.53 9.06 12.57
N SER A 17 -24.92 9.82 13.49
CA SER A 17 -24.95 9.52 14.92
C SER A 17 -26.38 9.58 15.47
N PRO A 18 -26.59 8.90 16.60
CA PRO A 18 -27.94 8.89 17.16
C PRO A 18 -28.40 10.29 17.53
N ASP A 19 -27.51 11.14 18.04
CA ASP A 19 -27.86 12.50 18.44
C ASP A 19 -27.67 13.51 17.31
N GLY A 20 -27.78 13.07 16.07
CA GLY A 20 -27.23 13.80 14.94
C GLY A 20 -28.23 14.75 14.28
N HIS A 21 -27.69 15.66 13.46
CA HIS A 21 -28.51 16.50 12.59
C HIS A 21 -28.74 15.88 11.22
N THR A 22 -28.33 14.62 11.02
CA THR A 22 -28.54 13.86 9.79
C THR A 22 -27.89 14.59 8.63
N HIS A 23 -28.61 14.94 7.55
CA HIS A 23 -27.94 15.49 6.39
C HIS A 23 -27.69 16.96 6.66
N LEU A 24 -26.48 17.41 6.38
CA LEU A 24 -26.02 18.70 6.91
C LEU A 24 -26.07 19.83 5.90
N ASN A 25 -26.53 21.02 6.32
CA ASN A 25 -26.25 22.22 5.53
C ASN A 25 -25.10 23.03 6.12
N SER A 26 -24.53 22.59 7.23
CA SER A 26 -23.52 23.38 7.88
C SER A 26 -22.19 23.25 7.15
N VAL A 27 -21.35 24.24 7.38
CA VAL A 27 -20.06 24.41 6.72
C VAL A 27 -19.07 24.89 7.76
N GLU A 28 -17.86 24.34 7.73
CA GLU A 28 -16.81 24.82 8.67
C GLU A 28 -15.48 24.94 7.95
N ALA A 29 -14.65 25.83 8.43
CA ALA A 29 -13.41 26.19 7.77
C ALA A 29 -12.25 25.94 8.72
N TYR A 30 -11.17 25.39 8.17
CA TYR A 30 -9.98 25.06 8.93
C TYR A 30 -8.86 26.04 8.61
N ASP A 31 -8.22 26.55 9.64
CA ASP A 31 -7.03 27.40 9.53
C ASP A 31 -5.85 26.57 10.00
N PRO A 32 -4.92 26.18 9.12
CA PRO A 32 -3.79 25.33 9.53
C PRO A 32 -2.81 26.05 10.43
N GLU A 33 -2.75 27.38 10.33
CA GLU A 33 -1.75 28.06 11.16
C GLU A 33 -2.18 28.02 12.62
N ARG A 34 -3.48 28.18 12.86
CA ARG A 34 -3.97 28.08 14.24
C ARG A 34 -4.40 26.65 14.58
N ASP A 35 -4.55 25.76 13.59
CA ASP A 35 -5.07 24.39 13.84
C ASP A 35 -6.45 24.50 14.47
N GLU A 36 -7.35 25.25 13.83
CA GLU A 36 -8.70 25.48 14.36
C GLU A 36 -9.78 25.43 13.29
N TRP A 37 -10.93 24.85 13.60
CA TRP A 37 -12.11 24.83 12.76
C TRP A 37 -13.13 25.83 13.29
N SER A 38 -13.69 26.61 12.38
CA SER A 38 -14.70 27.61 12.70
C SER A 38 -15.91 27.42 11.76
N LEU A 39 -17.11 27.48 12.32
CA LEU A 39 -18.34 27.32 11.53
C LEU A 39 -18.54 28.58 10.70
N VAL A 40 -18.96 28.39 9.45
CA VAL A 40 -19.22 29.54 8.56
C VAL A 40 -20.70 29.52 8.18
N ALA A 41 -21.16 30.46 7.36
CA ALA A 41 -22.60 30.47 7.05
C ALA A 41 -23.02 29.14 6.44
N PRO A 42 -24.15 28.57 6.89
CA PRO A 42 -24.61 27.32 6.30
C PRO A 42 -25.19 27.54 4.91
N MET A 43 -25.21 26.45 4.17
CA MET A 43 -25.85 26.44 2.89
C MET A 43 -27.35 26.54 3.00
N ASN A 44 -27.94 26.87 1.85
CA ASN A 44 -29.38 26.90 1.74
C ASN A 44 -29.98 25.51 1.86
N THR A 45 -29.31 24.49 1.32
CA THR A 45 -29.85 23.15 1.25
C THR A 45 -28.93 22.21 2.02
N ARG A 46 -29.50 21.25 2.74
CA ARG A 46 -28.76 20.11 3.28
C ARG A 46 -28.22 19.22 2.18
N ARG A 47 -26.94 18.83 2.25
CA ARG A 47 -26.36 18.07 1.11
C ARG A 47 -25.35 17.09 1.65
N SER A 48 -25.68 15.81 1.68
CA SER A 48 -24.63 14.80 1.80
C SER A 48 -24.27 14.23 0.43
N GLY A 49 -23.07 13.67 0.31
CA GLY A 49 -22.71 13.18 -1.01
C GLY A 49 -22.59 14.30 -2.01
N VAL A 50 -22.10 15.47 -1.53
CA VAL A 50 -22.03 16.70 -2.28
C VAL A 50 -20.66 16.82 -2.94
N GLY A 51 -20.63 17.39 -4.12
CA GLY A 51 -19.37 17.70 -4.76
C GLY A 51 -19.06 19.18 -4.58
N VAL A 52 -17.80 19.49 -4.34
CA VAL A 52 -17.40 20.86 -4.03
C VAL A 52 -16.22 21.23 -4.90
N ALA A 53 -16.27 22.42 -5.51
CA ALA A 53 -15.09 22.93 -6.17
C ALA A 53 -15.02 24.45 -6.11
N VAL A 54 -13.84 24.99 -6.36
CA VAL A 54 -13.57 26.40 -6.18
C VAL A 54 -13.30 26.99 -7.54
N LEU A 55 -13.97 28.09 -7.82
CA LEU A 55 -13.78 28.74 -9.12
C LEU A 55 -13.90 30.24 -8.88
N ASP A 56 -12.81 30.97 -9.09
CA ASP A 56 -12.87 32.41 -9.14
C ASP A 56 -13.42 33.01 -7.86
N GLY A 57 -12.84 32.55 -6.76
CA GLY A 57 -13.14 33.13 -5.48
C GLY A 57 -14.42 32.66 -4.86
N HIS A 58 -15.10 31.68 -5.46
CA HIS A 58 -16.32 31.15 -4.88
C HIS A 58 -16.22 29.65 -4.72
N ILE A 59 -16.85 29.14 -3.70
CA ILE A 59 -16.98 27.71 -3.50
C ILE A 59 -18.32 27.27 -4.03
N TYR A 60 -18.33 26.28 -4.91
CA TYR A 60 -19.57 25.73 -5.44
C TYR A 60 -19.87 24.41 -4.77
N ALA A 61 -21.06 24.27 -4.25
CA ALA A 61 -21.58 23.01 -3.72
C ALA A 61 -22.58 22.49 -4.76
N VAL A 62 -22.31 21.29 -5.26
CA VAL A 62 -22.98 20.74 -6.45
C VAL A 62 -23.72 19.47 -6.04
N GLY A 63 -25.02 19.48 -6.22
CA GLY A 63 -25.73 18.21 -6.03
C GLY A 63 -25.81 17.79 -4.59
N GLY A 64 -25.78 16.45 -4.40
CA GLY A 64 -25.90 15.83 -3.11
C GLY A 64 -27.29 15.29 -2.84
N TYR A 65 -27.55 15.01 -1.57
CA TYR A 65 -28.79 14.37 -1.18
C TYR A 65 -29.24 15.05 0.09
N ASP A 66 -30.50 15.49 0.15
CA ASP A 66 -30.97 16.31 1.28
C ASP A 66 -31.75 15.60 2.33
N GLY A 67 -31.76 14.24 2.31
CA GLY A 67 -32.51 13.39 3.18
C GLY A 67 -33.86 12.96 2.64
N HIS A 68 -34.36 13.63 1.58
CA HIS A 68 -35.60 13.24 0.90
C HIS A 68 -35.38 13.18 -0.62
N THR A 69 -34.46 13.98 -1.14
CA THR A 69 -34.26 14.12 -2.56
C THR A 69 -32.79 14.13 -3.00
N HIS A 70 -32.51 13.44 -4.11
CA HIS A 70 -31.23 13.65 -4.83
C HIS A 70 -31.31 14.96 -5.59
N LEU A 71 -30.26 15.75 -5.50
CA LEU A 71 -30.35 17.17 -5.86
C LEU A 71 -29.71 17.45 -7.22
N ASN A 72 -30.40 18.27 -8.02
CA ASN A 72 -29.74 18.92 -9.15
C ASN A 72 -29.34 20.36 -8.80
N SER A 73 -29.67 20.86 -7.61
CA SER A 73 -29.33 22.24 -7.31
C SER A 73 -27.84 22.43 -6.98
N VAL A 74 -27.41 23.67 -7.14
CA VAL A 74 -26.03 24.09 -7.01
C VAL A 74 -26.06 25.43 -6.29
N GLU A 75 -25.15 25.64 -5.34
CA GLU A 75 -25.08 26.95 -4.74
C GLU A 75 -23.63 27.37 -4.55
N ALA A 76 -23.43 28.64 -4.47
CA ALA A 76 -22.09 29.19 -4.46
C ALA A 76 -21.90 30.10 -3.26
N TYR A 77 -20.71 29.97 -2.65
CA TYR A 77 -20.37 30.70 -1.44
C TYR A 77 -19.44 31.82 -1.81
N ASP A 78 -19.76 33.02 -1.33
CA ASP A 78 -18.95 34.23 -1.40
C ASP A 78 -18.30 34.43 -0.04
N PRO A 79 -17.00 34.19 0.14
CA PRO A 79 -16.38 34.31 1.47
C PRO A 79 -16.29 35.73 1.96
N GLU A 80 -16.26 36.72 1.07
CA GLU A 80 -16.18 38.11 1.53
C GLU A 80 -17.45 38.50 2.28
N ARG A 81 -18.60 38.05 1.79
CA ARG A 81 -19.89 38.34 2.41
C ARG A 81 -20.43 37.20 3.26
N ASP A 82 -19.80 36.04 3.24
CA ASP A 82 -20.21 34.90 4.06
C ASP A 82 -21.66 34.55 3.76
N GLU A 83 -21.93 34.31 2.48
CA GLU A 83 -23.30 33.94 2.14
C GLU A 83 -23.29 33.03 0.93
N TRP A 84 -24.35 32.22 0.85
CA TRP A 84 -24.53 31.23 -0.19
C TRP A 84 -25.70 31.64 -1.07
N HIS A 85 -25.54 31.46 -2.36
CA HIS A 85 -26.60 31.80 -3.31
C HIS A 85 -26.82 30.64 -4.25
N MET A 86 -28.07 30.36 -4.60
CA MET A 86 -28.31 29.32 -5.59
C MET A 86 -27.91 29.81 -6.96
N VAL A 87 -27.31 28.92 -7.71
CA VAL A 87 -27.07 29.24 -9.10
C VAL A 87 -27.82 28.27 -9.98
N THR A 88 -27.63 28.35 -11.27
CA THR A 88 -28.41 27.50 -12.16
C THR A 88 -28.24 26.02 -11.83
N PRO A 89 -29.32 25.27 -11.73
CA PRO A 89 -29.21 23.85 -11.42
C PRO A 89 -28.72 23.05 -12.60
N MET A 90 -28.13 21.90 -12.27
CA MET A 90 -27.72 20.94 -13.30
C MET A 90 -28.93 20.36 -14.01
N ASN A 91 -28.62 19.77 -15.16
CA ASN A 91 -29.62 19.02 -15.92
C ASN A 91 -30.08 17.79 -15.16
N THR A 92 -29.22 17.16 -14.37
CA THR A 92 -29.47 15.86 -13.79
C THR A 92 -29.26 15.98 -12.28
N ARG A 93 -30.13 15.31 -11.51
CA ARG A 93 -29.88 15.15 -10.08
C ARG A 93 -28.71 14.20 -9.87
N ARG A 94 -27.80 14.53 -8.94
CA ARG A 94 -26.58 13.75 -8.70
C ARG A 94 -26.20 13.86 -7.25
N SER A 95 -26.26 12.73 -6.53
CA SER A 95 -25.55 12.61 -5.28
C SER A 95 -24.35 11.70 -5.48
N GLY A 96 -23.37 11.83 -4.62
CA GLY A 96 -22.19 11.01 -4.84
C GLY A 96 -21.46 11.44 -6.10
N VAL A 97 -21.48 12.74 -6.41
CA VAL A 97 -20.99 13.31 -7.65
C VAL A 97 -19.56 13.79 -7.44
N GLY A 98 -18.74 13.66 -8.47
CA GLY A 98 -17.40 14.23 -8.44
C GLY A 98 -17.40 15.55 -9.19
N VAL A 99 -16.63 16.51 -8.71
CA VAL A 99 -16.62 17.85 -9.29
C VAL A 99 -15.20 18.31 -9.49
N ALA A 100 -14.91 18.86 -10.68
CA ALA A 100 -13.57 19.33 -10.99
C ALA A 100 -13.70 20.65 -11.71
N VAL A 101 -12.66 21.47 -11.62
CA VAL A 101 -12.60 22.74 -12.34
C VAL A 101 -11.49 22.65 -13.36
N LEU A 102 -11.82 22.93 -14.61
CA LEU A 102 -10.81 22.97 -15.68
C LEU A 102 -11.18 24.07 -16.64
N ASN A 103 -10.27 25.05 -16.79
CA ASN A 103 -10.32 26.09 -17.82
C ASN A 103 -11.64 26.85 -17.76
N GLY A 104 -11.98 27.29 -16.56
CA GLY A 104 -13.05 28.21 -16.38
C GLY A 104 -14.40 27.53 -16.28
N HIS A 105 -14.44 26.20 -16.33
CA HIS A 105 -15.70 25.46 -16.26
C HIS A 105 -15.69 24.53 -15.07
N ILE A 106 -16.85 24.32 -14.46
CA ILE A 106 -16.99 23.29 -13.44
C ILE A 106 -17.59 22.05 -14.07
N TYR A 107 -16.97 20.89 -13.87
CA TYR A 107 -17.46 19.63 -14.43
C TYR A 107 -18.08 18.80 -13.30
N ALA A 108 -19.31 18.35 -13.49
CA ALA A 108 -20.01 17.42 -12.59
C ALA A 108 -20.03 16.06 -13.26
N VAL A 109 -19.41 15.09 -12.59
CA VAL A 109 -19.05 13.82 -13.21
C VAL A 109 -19.80 12.73 -12.45
N GLY A 110 -20.61 11.97 -13.18
CA GLY A 110 -21.19 10.80 -12.53
C GLY A 110 -22.12 11.16 -11.40
N GLY A 111 -22.22 10.22 -10.46
CA GLY A 111 -23.14 10.36 -9.36
C GLY A 111 -24.30 9.38 -9.48
N TYR A 112 -25.33 9.64 -8.69
CA TYR A 112 -26.50 8.77 -8.57
C TYR A 112 -27.73 9.65 -8.58
N ASP A 113 -28.69 9.30 -9.44
CA ASP A 113 -29.99 9.91 -9.49
C ASP A 113 -30.87 8.77 -8.98
N GLY A 114 -31.22 8.83 -7.71
CA GLY A 114 -32.08 7.90 -7.03
C GLY A 114 -33.55 8.06 -7.24
N SER A 115 -34.00 9.06 -7.99
CA SER A 115 -35.43 9.30 -8.20
C SER A 115 -36.09 8.12 -8.90
N PRO A 116 -37.38 7.99 -8.67
CA PRO A 116 -38.16 6.93 -9.28
C PRO A 116 -38.01 6.98 -10.80
N GLY A 118 -33.97 8.65 -11.34
CA GLY A 118 -34.41 8.27 -12.69
C GLY A 118 -33.45 7.24 -13.34
N HIS A 119 -32.19 7.61 -13.58
CA HIS A 119 -31.24 6.76 -14.29
C HIS A 119 -30.26 6.03 -13.37
N THR A 120 -30.45 6.10 -12.04
CA THR A 120 -29.66 5.38 -11.04
C THR A 120 -28.20 5.80 -11.18
N HIS A 121 -27.22 4.88 -11.37
CA HIS A 121 -25.81 5.27 -11.35
C HIS A 121 -25.38 5.87 -12.68
N LEU A 122 -24.79 7.03 -12.63
CA LEU A 122 -24.66 7.82 -13.86
C LEU A 122 -23.30 7.71 -14.52
N ASN A 123 -23.33 7.61 -15.84
CA ASN A 123 -22.09 7.92 -16.59
C ASN A 123 -22.11 9.31 -17.19
N SER A 124 -23.21 10.06 -17.05
CA SER A 124 -23.26 11.35 -17.70
C SER A 124 -22.37 12.36 -16.97
N VAL A 125 -22.03 13.42 -17.71
CA VAL A 125 -21.12 14.47 -17.33
C VAL A 125 -21.70 15.76 -17.85
N GLU A 126 -21.63 16.80 -17.02
CA GLU A 126 -22.06 18.11 -17.51
C GLU A 126 -21.12 19.19 -17.01
N ALA A 127 -21.09 20.29 -17.72
CA ALA A 127 -20.13 21.36 -17.45
C ALA A 127 -20.85 22.69 -17.33
N TYR A 128 -20.42 23.46 -16.34
CA TYR A 128 -20.98 24.75 -15.97
C TYR A 128 -20.08 25.85 -16.47
N ASP A 129 -20.69 26.77 -17.16
CA ASP A 129 -20.04 27.98 -17.61
C ASP A 129 -20.57 29.12 -16.74
N PRO A 130 -19.74 29.66 -15.84
CA PRO A 130 -20.25 30.68 -14.91
C PRO A 130 -20.65 31.97 -15.61
N GLU A 131 -20.01 32.30 -16.74
CA GLU A 131 -20.29 33.58 -17.38
C GLU A 131 -21.68 33.58 -18.00
N ARG A 132 -22.08 32.45 -18.59
CA ARG A 132 -23.41 32.23 -19.09
C ARG A 132 -24.35 31.66 -18.04
N ASP A 133 -23.81 31.13 -16.94
CA ASP A 133 -24.56 30.47 -15.86
C ASP A 133 -25.51 29.41 -16.45
N GLU A 134 -24.91 28.49 -17.21
CA GLU A 134 -25.64 27.41 -17.87
C GLU A 134 -24.83 26.15 -17.71
N TRP A 135 -25.52 24.99 -17.59
CA TRP A 135 -24.91 23.67 -17.57
C TRP A 135 -25.16 23.01 -18.91
N SER A 136 -24.11 22.42 -19.45
CA SER A 136 -24.21 21.71 -20.75
C SER A 136 -23.73 20.28 -20.58
N LEU A 137 -24.47 19.34 -21.16
CA LEU A 137 -24.01 17.93 -21.14
C LEU A 137 -22.80 17.78 -22.04
N VAL A 138 -21.84 16.97 -21.59
CA VAL A 138 -20.65 16.66 -22.42
C VAL A 138 -20.58 15.15 -22.60
N ALA A 139 -19.49 14.68 -23.22
CA ALA A 139 -19.36 13.24 -23.47
C ALA A 139 -19.52 12.47 -22.17
N PRO A 140 -20.31 11.39 -22.15
CA PRO A 140 -20.40 10.54 -20.96
C PRO A 140 -19.17 9.65 -20.84
N MET A 141 -18.93 9.27 -19.59
CA MET A 141 -17.88 8.29 -19.32
C MET A 141 -18.21 6.93 -19.92
N ASN A 142 -17.17 6.11 -19.98
CA ASN A 142 -17.35 4.75 -20.40
C ASN A 142 -18.09 3.91 -19.39
N THR A 143 -17.95 4.25 -18.11
CA THR A 143 -18.49 3.46 -17.01
C THR A 143 -19.34 4.37 -16.15
N ARG A 144 -20.50 3.85 -15.71
CA ARG A 144 -21.29 4.54 -14.69
C ARG A 144 -20.53 4.57 -13.38
N ARG A 145 -20.54 5.72 -12.65
CA ARG A 145 -19.73 5.83 -11.41
C ARG A 145 -20.46 6.73 -10.44
N SER A 146 -21.01 6.16 -9.37
CA SER A 146 -21.41 6.99 -8.24
C SER A 146 -20.35 6.88 -7.14
N GLY A 147 -20.29 7.87 -6.29
CA GLY A 147 -19.23 7.83 -5.29
C GLY A 147 -17.87 7.88 -5.95
N VAL A 148 -17.73 8.69 -6.98
CA VAL A 148 -16.53 8.76 -7.83
C VAL A 148 -15.64 9.89 -7.32
N GLY A 149 -14.33 9.71 -7.39
CA GLY A 149 -13.39 10.80 -7.12
C GLY A 149 -12.94 11.43 -8.44
N VAL A 150 -12.78 12.73 -8.44
CA VAL A 150 -12.39 13.41 -9.66
C VAL A 150 -11.24 14.37 -9.37
N ALA A 151 -10.24 14.43 -10.24
CA ALA A 151 -9.23 15.48 -10.09
C ALA A 151 -8.67 15.83 -11.44
N VAL A 152 -8.05 16.98 -11.48
CA VAL A 152 -7.62 17.56 -12.73
C VAL A 152 -6.12 17.56 -12.74
N LEU A 153 -5.52 17.07 -13.81
CA LEU A 153 -4.06 17.09 -13.91
C LEU A 153 -3.67 17.27 -15.36
N ASP A 154 -2.93 18.35 -15.66
CA ASP A 154 -2.31 18.55 -16.96
C ASP A 154 -3.34 18.49 -18.08
N GLY A 155 -4.41 19.20 -17.87
CA GLY A 155 -5.37 19.38 -18.94
C GLY A 155 -6.36 18.27 -19.08
N HIS A 156 -6.31 17.24 -18.21
CA HIS A 156 -7.32 16.19 -18.24
C HIS A 156 -8.05 16.08 -16.92
N ILE A 157 -9.30 15.66 -16.96
CA ILE A 157 -10.09 15.32 -15.77
C ILE A 157 -10.06 13.82 -15.59
N TYR A 158 -9.64 13.36 -14.41
CA TYR A 158 -9.60 11.93 -14.12
C TYR A 158 -10.79 11.59 -13.25
N ALA A 159 -11.52 10.54 -13.64
CA ALA A 159 -12.59 9.94 -12.85
C ALA A 159 -12.09 8.62 -12.28
N VAL A 160 -12.05 8.54 -10.95
CA VAL A 160 -11.32 7.50 -10.23
C VAL A 160 -12.32 6.67 -9.47
N GLY A 161 -12.37 5.37 -9.77
CA GLY A 161 -13.16 4.48 -8.91
C GLY A 161 -14.64 4.80 -9.01
N GLY A 162 -15.32 4.54 -7.90
CA GLY A 162 -16.78 4.74 -7.88
C GLY A 162 -17.52 3.40 -7.84
N TYR A 163 -18.81 3.44 -8.10
CA TYR A 163 -19.67 2.23 -8.05
C TYR A 163 -20.59 2.25 -9.24
N ASP A 164 -20.69 1.13 -9.98
CA ASP A 164 -21.48 1.14 -11.24
C ASP A 164 -22.90 0.59 -11.07
N GLY A 165 -23.33 0.32 -9.84
CA GLY A 165 -24.66 -0.25 -9.57
C GLY A 165 -24.53 -1.74 -9.39
N HIS A 166 -23.39 -2.29 -9.80
CA HIS A 166 -23.14 -3.74 -9.60
C HIS A 166 -21.76 -3.96 -8.98
N THR A 167 -20.77 -3.13 -9.32
CA THR A 167 -19.39 -3.38 -8.86
C THR A 167 -18.70 -2.14 -8.29
N HIS A 168 -17.93 -2.31 -7.22
CA HIS A 168 -17.07 -1.20 -6.72
C HIS A 168 -15.90 -1.20 -7.69
N LEU A 169 -15.49 -0.02 -8.13
CA LEU A 169 -14.54 0.02 -9.26
C LEU A 169 -13.10 0.37 -8.93
N ASN A 170 -12.16 -0.36 -9.53
CA ASN A 170 -10.78 0.08 -9.54
C ASN A 170 -10.41 0.81 -10.82
N SER A 171 -11.35 0.93 -11.78
CA SER A 171 -10.98 1.51 -13.05
C SER A 171 -10.93 3.03 -12.96
N VAL A 172 -10.24 3.62 -13.91
CA VAL A 172 -9.96 5.05 -13.95
C VAL A 172 -10.05 5.48 -15.40
N GLU A 173 -10.66 6.63 -15.66
CA GLU A 173 -10.68 7.15 -17.04
C GLU A 173 -10.40 8.64 -17.04
N ALA A 174 -9.89 9.12 -18.15
CA ALA A 174 -9.48 10.50 -18.24
C ALA A 174 -10.18 11.18 -19.39
N TYR A 175 -10.57 12.42 -19.16
CA TYR A 175 -11.31 13.22 -20.13
C TYR A 175 -10.42 14.28 -20.72
N ASP A 176 -10.43 14.39 -22.04
CA ASP A 176 -9.76 15.44 -22.81
C ASP A 176 -10.83 16.41 -23.31
N PRO A 177 -10.87 17.63 -22.80
CA PRO A 177 -11.93 18.58 -23.22
C PRO A 177 -11.77 19.03 -24.66
N GLU A 178 -10.53 19.06 -25.18
CA GLU A 178 -10.32 19.55 -26.53
C GLU A 178 -10.98 18.61 -27.53
N ARG A 179 -10.86 17.32 -27.28
CA ARG A 179 -11.43 16.27 -28.11
C ARG A 179 -12.82 15.85 -27.65
N ASP A 180 -13.22 16.21 -26.43
CA ASP A 180 -14.46 15.75 -25.80
C ASP A 180 -14.53 14.20 -25.79
N GLU A 181 -13.54 13.57 -25.16
CA GLU A 181 -13.43 12.12 -25.21
C GLU A 181 -12.87 11.62 -23.89
N TRP A 182 -13.38 10.47 -23.44
CA TRP A 182 -12.91 9.78 -22.26
C TRP A 182 -12.12 8.56 -22.68
N HIS A 183 -10.97 8.35 -22.03
CA HIS A 183 -10.18 7.18 -22.33
C HIS A 183 -9.82 6.48 -21.02
N MET A 184 -9.87 5.15 -20.99
CA MET A 184 -9.45 4.43 -19.80
C MET A 184 -7.95 4.53 -19.60
N VAL A 185 -7.54 4.65 -18.32
CA VAL A 185 -6.11 4.58 -18.03
C VAL A 185 -5.87 3.41 -17.10
N THR A 186 -4.66 3.26 -16.59
CA THR A 186 -4.39 2.08 -15.76
C THR A 186 -5.25 2.06 -14.51
N PRO A 187 -5.82 0.91 -14.16
CA PRO A 187 -6.66 0.84 -12.96
C PRO A 187 -5.84 0.89 -11.69
N MET A 188 -6.51 1.27 -10.62
CA MET A 188 -5.92 1.24 -9.30
C MET A 188 -5.69 -0.17 -8.83
N ASN A 189 -4.85 -0.25 -7.78
CA ASN A 189 -4.63 -1.53 -7.14
C ASN A 189 -5.89 -2.00 -6.41
N THR A 190 -6.69 -1.08 -5.85
CA THR A 190 -7.82 -1.45 -4.99
C THR A 190 -9.09 -0.88 -5.60
N ARG A 191 -10.20 -1.61 -5.55
CA ARG A 191 -11.53 -1.06 -5.85
C ARG A 191 -11.91 -0.04 -4.79
N ARG A 192 -12.43 1.13 -5.19
CA ARG A 192 -12.71 2.20 -4.19
C ARG A 192 -13.94 2.95 -4.65
N SER A 193 -15.07 2.80 -3.98
CA SER A 193 -16.15 3.76 -4.11
C SER A 193 -16.16 4.71 -2.90
N GLY A 194 -16.75 5.89 -3.05
CA GLY A 194 -16.68 6.83 -1.93
C GLY A 194 -15.25 7.24 -1.62
N VAL A 195 -14.46 7.42 -2.68
CA VAL A 195 -13.03 7.68 -2.61
C VAL A 195 -12.80 9.18 -2.70
N GLY A 196 -11.78 9.65 -2.01
CA GLY A 196 -11.34 11.03 -2.11
C GLY A 196 -10.14 11.11 -3.04
N VAL A 197 -10.09 12.14 -3.85
CA VAL A 197 -8.99 12.23 -4.80
C VAL A 197 -8.42 13.63 -4.71
N ALA A 198 -7.08 13.72 -4.72
CA ALA A 198 -6.50 15.04 -4.93
C ALA A 198 -5.14 14.93 -5.61
N VAL A 199 -4.67 16.07 -6.08
CA VAL A 199 -3.50 16.16 -6.93
C VAL A 199 -2.42 16.91 -6.17
N LEU A 200 -1.23 16.32 -6.14
CA LEU A 200 -0.11 16.97 -5.45
C LEU A 200 1.19 16.59 -6.16
N ASN A 201 2.04 17.59 -6.52
CA ASN A 201 3.35 17.31 -7.12
C ASN A 201 3.24 16.38 -8.32
N GLY A 202 2.25 16.61 -9.18
CA GLY A 202 2.21 15.81 -10.40
C GLY A 202 1.71 14.37 -10.22
N HIS A 203 1.23 14.00 -9.05
CA HIS A 203 0.56 12.73 -8.86
C HIS A 203 -0.88 12.90 -8.43
N ILE A 204 -1.68 11.91 -8.77
CA ILE A 204 -3.05 11.85 -8.30
C ILE A 204 -3.09 10.89 -7.14
N TYR A 205 -3.66 11.33 -6.02
CA TYR A 205 -3.80 10.45 -4.87
C TYR A 205 -5.22 10.02 -4.72
N ALA A 206 -5.44 8.71 -4.60
CA ALA A 206 -6.74 8.15 -4.27
C ALA A 206 -6.68 7.75 -2.80
N VAL A 207 -7.58 8.30 -2.00
CA VAL A 207 -7.53 8.20 -0.54
C VAL A 207 -8.77 7.48 -0.04
N GLY A 208 -8.55 6.35 0.61
CA GLY A 208 -9.71 5.76 1.32
C GLY A 208 -10.68 5.12 0.36
N GLY A 209 -11.97 5.12 0.78
CA GLY A 209 -13.02 4.55 -0.04
C GLY A 209 -13.51 3.25 0.56
N TYR A 210 -14.27 2.52 -0.23
CA TYR A 210 -14.91 1.30 0.22
C TYR A 210 -14.78 0.28 -0.90
N ASP A 211 -14.29 -0.88 -0.56
CA ASP A 211 -14.28 -1.99 -1.47
C ASP A 211 -15.35 -2.97 -0.94
N GLY A 212 -16.53 -2.95 -1.53
CA GLY A 212 -17.65 -3.77 -1.17
C GLY A 212 -17.68 -5.16 -1.77
N SER A 213 -16.61 -5.56 -2.47
CA SER A 213 -16.48 -6.94 -2.92
C SER A 213 -16.49 -7.89 -1.73
N PRO A 214 -17.07 -9.06 -1.95
CA PRO A 214 -17.07 -10.12 -0.98
C PRO A 214 -15.65 -10.40 -0.49
N HIS A 217 -11.84 -5.54 1.48
CA HIS A 217 -11.48 -5.19 2.85
C HIS A 217 -12.40 -4.10 3.45
N THR A 218 -13.57 -3.87 2.82
CA THR A 218 -14.61 -2.97 3.29
C THR A 218 -14.06 -1.53 3.32
N HIS A 219 -14.12 -0.81 4.45
CA HIS A 219 -13.76 0.62 4.46
C HIS A 219 -12.27 0.72 4.56
N LEU A 220 -11.70 1.58 3.71
CA LEU A 220 -10.26 1.53 3.46
C LEU A 220 -9.50 2.65 4.19
N ASN A 221 -8.32 2.31 4.75
CA ASN A 221 -7.36 3.36 5.14
C ASN A 221 -6.25 3.45 4.12
N SER A 222 -6.25 2.59 3.11
CA SER A 222 -5.14 2.64 2.13
C SER A 222 -5.27 3.85 1.22
N VAL A 223 -4.10 4.19 0.68
CA VAL A 223 -3.96 5.36 -0.22
C VAL A 223 -3.05 4.94 -1.37
N GLU A 224 -3.38 5.32 -2.59
CA GLU A 224 -2.48 5.02 -3.72
C GLU A 224 -2.25 6.27 -4.58
N ALA A 225 -1.11 6.32 -5.24
CA ALA A 225 -0.74 7.49 -6.04
C ALA A 225 -0.46 7.09 -7.49
N TYR A 226 -1.00 7.89 -8.39
CA TYR A 226 -0.84 7.67 -9.81
C TYR A 226 0.20 8.59 -10.39
N ASP A 227 1.09 8.00 -11.17
CA ASP A 227 2.10 8.71 -11.95
C ASP A 227 1.64 8.70 -13.40
N PRO A 228 1.26 9.85 -13.97
CA PRO A 228 0.72 9.85 -15.34
C PRO A 228 1.75 9.61 -16.42
N GLU A 229 3.04 9.92 -16.17
CA GLU A 229 4.08 9.65 -17.17
C GLU A 229 4.24 8.14 -17.35
N ARG A 230 4.22 7.40 -16.24
CA ARG A 230 4.40 5.97 -16.27
C ARG A 230 3.08 5.21 -16.33
N ASP A 231 1.95 5.88 -16.08
CA ASP A 231 0.62 5.24 -16.09
C ASP A 231 0.58 4.07 -15.11
N GLU A 232 0.91 4.37 -13.86
CA GLU A 232 0.96 3.31 -12.86
C GLU A 232 0.56 3.85 -11.51
N TRP A 233 -0.05 2.99 -10.70
CA TRP A 233 -0.49 3.34 -9.37
C TRP A 233 0.34 2.61 -8.34
N SER A 234 0.75 3.35 -7.32
CA SER A 234 1.57 2.80 -6.21
C SER A 234 0.87 3.04 -4.87
N LEU A 235 0.87 2.02 -4.00
CA LEU A 235 0.31 2.22 -2.64
C LEU A 235 1.29 3.09 -1.85
N VAL A 236 0.76 4.07 -1.14
CA VAL A 236 1.62 4.91 -0.26
C VAL A 236 1.22 4.64 1.19
N ALA A 237 1.76 5.44 2.11
CA ALA A 237 1.48 5.18 3.53
C ALA A 237 -0.01 5.24 3.75
N PRO A 238 -0.57 4.29 4.49
CA PRO A 238 -2.00 4.33 4.76
C PRO A 238 -2.33 5.32 5.84
N MET A 239 -3.59 5.78 5.77
CA MET A 239 -4.07 6.67 6.83
C MET A 239 -4.17 5.93 8.16
N ASN A 240 -4.24 6.73 9.20
CA ASN A 240 -4.53 6.21 10.54
C ASN A 240 -5.93 5.60 10.63
N THR A 241 -6.91 6.14 9.93
CA THR A 241 -8.30 5.75 10.07
C THR A 241 -8.83 5.30 8.71
N ARG A 242 -9.63 4.24 8.73
CA ARG A 242 -10.43 3.88 7.55
C ARG A 242 -11.47 4.97 7.28
N ARG A 243 -11.63 5.37 6.01
CA ARG A 243 -12.56 6.48 5.69
C ARG A 243 -13.13 6.18 4.32
N SER A 244 -14.43 5.90 4.26
CA SER A 244 -15.11 6.04 2.99
C SER A 244 -15.96 7.30 3.02
N GLY A 245 -16.36 7.77 1.86
CA GLY A 245 -17.13 9.00 1.88
C GLY A 245 -16.30 10.16 2.42
N VAL A 246 -14.99 10.14 2.17
CA VAL A 246 -14.00 11.06 2.73
C VAL A 246 -13.82 12.26 1.80
N GLY A 247 -13.64 13.43 2.37
CA GLY A 247 -13.29 14.62 1.58
C GLY A 247 -11.78 14.83 1.61
N VAL A 248 -11.21 15.26 0.50
CA VAL A 248 -9.76 15.39 0.39
C VAL A 248 -9.41 16.72 -0.25
N ALA A 249 -8.45 17.42 0.34
CA ALA A 249 -7.99 18.62 -0.31
C ALA A 249 -6.51 18.77 -0.07
N VAL A 250 -5.89 19.57 -0.93
CA VAL A 250 -4.44 19.85 -0.83
C VAL A 250 -4.24 21.29 -0.41
N LEU A 251 -3.40 21.48 0.60
CA LEU A 251 -3.06 22.82 1.07
C LEU A 251 -1.62 22.81 1.53
N ASP A 252 -0.78 23.60 0.83
CA ASP A 252 0.55 23.94 1.31
C ASP A 252 1.39 22.68 1.46
N GLY A 253 1.29 21.81 0.46
CA GLY A 253 2.16 20.70 0.34
C GLY A 253 1.67 19.50 1.08
N HIS A 254 0.52 19.60 1.74
CA HIS A 254 -0.07 18.48 2.47
C HIS A 254 -1.42 18.08 1.89
N ILE A 255 -1.73 16.77 1.97
CA ILE A 255 -3.06 16.29 1.64
C ILE A 255 -3.85 16.13 2.92
N TYR A 256 -5.03 16.73 2.98
CA TYR A 256 -5.90 16.58 4.15
C TYR A 256 -7.03 15.62 3.81
N ALA A 257 -7.24 14.62 4.67
CA ALA A 257 -8.35 13.67 4.62
C ALA A 257 -9.32 14.05 5.73
N VAL A 258 -10.54 14.42 5.33
CA VAL A 258 -11.48 15.09 6.20
C VAL A 258 -12.70 14.18 6.37
N GLY A 259 -13.01 13.84 7.61
CA GLY A 259 -14.29 13.15 7.79
C GLY A 259 -14.35 11.75 7.19
N GLY A 260 -15.55 11.35 6.82
CA GLY A 260 -15.78 10.07 6.24
C GLY A 260 -16.49 9.13 7.20
N TYR A 261 -16.41 7.85 6.90
CA TYR A 261 -17.10 6.82 7.66
C TYR A 261 -16.17 5.64 7.80
N ASP A 262 -16.01 5.10 9.02
CA ASP A 262 -15.00 4.04 9.22
C ASP A 262 -15.52 2.63 9.27
N GLY A 263 -16.83 2.42 8.95
CA GLY A 263 -17.57 1.20 9.07
C GLY A 263 -18.32 1.05 10.36
N HIS A 264 -18.09 1.94 11.32
CA HIS A 264 -18.83 1.93 12.58
C HIS A 264 -19.28 3.34 12.94
N THR A 265 -18.51 4.36 12.51
CA THR A 265 -18.67 5.70 13.01
C THR A 265 -18.60 6.73 11.86
N HIS A 266 -19.51 7.70 11.84
CA HIS A 266 -19.27 8.90 11.04
C HIS A 266 -18.23 9.79 11.71
N LEU A 267 -17.25 10.24 10.95
CA LEU A 267 -16.03 10.81 11.52
C LEU A 267 -16.02 12.32 11.56
N ASN A 268 -15.56 12.86 12.67
CA ASN A 268 -15.14 14.24 12.65
C ASN A 268 -13.63 14.37 12.61
N SER A 269 -12.89 13.26 12.59
CA SER A 269 -11.45 13.39 12.60
C SER A 269 -10.90 13.78 11.24
N VAL A 270 -9.66 14.28 11.26
CA VAL A 270 -8.97 14.86 10.13
C VAL A 270 -7.54 14.45 10.27
N GLU A 271 -6.91 14.12 9.12
CA GLU A 271 -5.49 13.83 9.15
C GLU A 271 -4.83 14.36 7.89
N ALA A 272 -3.54 14.61 8.01
CA ALA A 272 -2.79 15.28 6.96
C ALA A 272 -1.57 14.46 6.62
N TYR A 273 -1.31 14.37 5.30
CA TYR A 273 -0.25 13.59 4.71
C TYR A 273 0.87 14.51 4.27
N ASP A 274 2.06 14.19 4.72
CA ASP A 274 3.26 14.86 4.30
C ASP A 274 3.95 13.95 3.30
N PRO A 275 3.96 14.28 2.00
CA PRO A 275 4.66 13.41 1.03
C PRO A 275 6.16 13.32 1.25
N GLU A 276 6.78 14.33 1.85
CA GLU A 276 8.24 14.27 1.98
C GLU A 276 8.64 13.26 3.04
N ARG A 277 7.78 13.05 4.04
CA ARG A 277 7.98 12.04 5.08
C ARG A 277 7.18 10.75 4.85
N ASP A 278 6.19 10.80 3.94
CA ASP A 278 5.27 9.70 3.67
C ASP A 278 4.62 9.24 4.97
N GLU A 279 4.05 10.21 5.69
CA GLU A 279 3.46 9.98 7.02
C GLU A 279 2.16 10.73 7.08
N TRP A 280 1.16 10.15 7.75
CA TRP A 280 -0.12 10.78 8.03
C TRP A 280 -0.13 11.16 9.50
N HIS A 281 -0.58 12.37 9.80
CA HIS A 281 -0.71 12.80 11.19
C HIS A 281 -2.09 13.36 11.46
N MET A 282 -2.64 13.03 12.63
CA MET A 282 -3.95 13.59 12.98
C MET A 282 -3.85 15.07 13.23
N VAL A 283 -4.87 15.80 12.79
CA VAL A 283 -4.94 17.21 13.20
C VAL A 283 -6.26 17.49 13.89
N THR A 284 -6.54 18.74 14.22
CA THR A 284 -7.74 19.08 14.99
C THR A 284 -8.99 18.53 14.33
N PRO A 285 -9.87 17.85 15.07
CA PRO A 285 -11.12 17.36 14.48
C PRO A 285 -12.07 18.51 14.22
N MET A 286 -12.96 18.22 13.28
CA MET A 286 -14.07 19.13 13.06
C MET A 286 -15.04 19.17 14.21
N ASN A 287 -15.82 20.25 14.20
CA ASN A 287 -16.91 20.38 15.16
C ASN A 287 -18.02 19.34 14.94
N THR A 288 -18.26 18.95 13.70
CA THR A 288 -19.35 18.07 13.34
C THR A 288 -18.80 16.84 12.61
N ARG A 289 -19.37 15.65 12.93
CA ARG A 289 -19.08 14.43 12.15
C ARG A 289 -19.69 14.55 10.76
N ARG A 290 -18.93 14.18 9.73
CA ARG A 290 -19.40 14.37 8.35
C ARG A 290 -18.89 13.23 7.50
N SER A 291 -19.78 12.34 7.04
CA SER A 291 -19.40 11.48 5.93
C SER A 291 -20.04 11.99 4.66
N GLY A 292 -19.50 11.60 3.52
CA GLY A 292 -20.07 12.16 2.29
C GLY A 292 -19.93 13.65 2.25
N VAL A 293 -18.80 14.15 2.71
CA VAL A 293 -18.51 15.55 2.92
C VAL A 293 -17.74 16.08 1.72
N GLY A 294 -18.02 17.29 1.31
CA GLY A 294 -17.25 17.92 0.22
C GLY A 294 -16.22 18.85 0.82
N VAL A 295 -15.04 18.94 0.20
CA VAL A 295 -13.93 19.70 0.81
C VAL A 295 -13.30 20.58 -0.27
N ALA A 296 -13.07 21.85 0.03
CA ALA A 296 -12.51 22.81 -0.90
C ALA A 296 -11.46 23.63 -0.20
N VAL A 297 -10.46 24.12 -0.93
CA VAL A 297 -9.46 25.01 -0.39
C VAL A 297 -9.62 26.37 -1.03
N LEU A 298 -9.70 27.40 -0.21
CA LEU A 298 -9.76 28.76 -0.71
C LEU A 298 -9.00 29.70 0.20
N GLY B 6 -0.08 -16.33 12.75
CA GLY B 6 -0.88 -15.63 11.73
C GLY B 6 -0.39 -14.28 11.20
N HIS B 7 0.86 -13.94 11.53
CA HIS B 7 1.44 -12.66 11.15
C HIS B 7 2.73 -12.88 10.37
N ILE B 8 3.05 -11.93 9.53
CA ILE B 8 4.35 -11.89 8.85
C ILE B 8 5.20 -10.89 9.56
N TYR B 9 6.40 -11.28 9.98
CA TYR B 9 7.31 -10.34 10.64
C TYR B 9 8.40 -9.92 9.67
N ALA B 10 8.62 -8.62 9.53
CA ALA B 10 9.73 -8.06 8.77
C ALA B 10 10.78 -7.60 9.78
N VAL B 11 11.97 -8.17 9.69
CA VAL B 11 12.99 -8.07 10.73
C VAL B 11 14.22 -7.35 10.18
N GLY B 12 14.54 -6.20 10.79
CA GLY B 12 15.79 -5.55 10.36
C GLY B 12 15.78 -5.07 8.92
N GLY B 13 16.95 -5.11 8.30
CA GLY B 13 17.13 -4.61 6.96
C GLY B 13 17.83 -3.26 6.96
N TYR B 14 17.76 -2.61 5.82
CA TYR B 14 18.50 -1.38 5.61
C TYR B 14 17.59 -0.39 4.93
N ASP B 15 17.51 0.81 5.51
CA ASP B 15 16.90 1.91 4.86
C ASP B 15 18.08 2.86 4.46
N HIS B 21 17.16 5.52 8.69
CA HIS B 21 17.90 5.18 9.91
C HIS B 21 18.97 4.10 9.67
N THR B 22 19.38 3.97 8.41
CA THR B 22 20.49 3.12 7.99
C THR B 22 20.21 1.67 8.39
N HIS B 23 21.09 0.97 9.13
CA HIS B 23 20.89 -0.45 9.40
C HIS B 23 19.91 -0.57 10.54
N LEU B 24 18.91 -1.40 10.38
CA LEU B 24 17.75 -1.34 11.27
C LEU B 24 17.75 -2.43 12.33
N ASN B 25 17.38 -2.04 13.57
CA ASN B 25 16.98 -3.03 14.57
C ASN B 25 15.48 -3.16 14.68
N SER B 26 14.72 -2.33 13.98
CA SER B 26 13.29 -2.36 14.15
C SER B 26 12.68 -3.59 13.48
N VAL B 27 11.48 -3.91 13.93
CA VAL B 27 10.72 -5.07 13.51
C VAL B 27 9.27 -4.67 13.40
N GLU B 28 8.60 -5.13 12.35
CA GLU B 28 7.16 -4.88 12.19
C GLU B 28 6.43 -6.14 11.78
N ALA B 29 5.16 -6.19 12.13
CA ALA B 29 4.36 -7.38 11.90
C ALA B 29 3.13 -7.02 11.09
N TYR B 30 2.79 -7.90 10.13
CA TYR B 30 1.67 -7.71 9.23
C TYR B 30 0.55 -8.65 9.60
N ASP B 31 -0.63 -8.12 9.70
CA ASP B 31 -1.86 -8.88 9.90
C ASP B 31 -2.62 -8.86 8.60
N PRO B 32 -2.79 -10.00 7.93
CA PRO B 32 -3.45 -10.00 6.61
C PRO B 32 -4.94 -9.76 6.69
N GLU B 33 -5.56 -10.06 7.84
CA GLU B 33 -7.01 -9.89 7.96
C GLU B 33 -7.35 -8.41 7.99
N ARG B 34 -6.54 -7.63 8.70
CA ARG B 34 -6.70 -6.18 8.79
C ARG B 34 -5.94 -5.43 7.69
N ASP B 35 -4.98 -6.09 7.03
CA ASP B 35 -4.07 -5.45 6.07
C ASP B 35 -3.34 -4.26 6.70
N GLU B 36 -2.67 -4.52 7.83
CA GLU B 36 -2.02 -3.50 8.64
C GLU B 36 -0.67 -4.01 9.12
N TRP B 37 0.33 -3.13 9.13
CA TRP B 37 1.63 -3.37 9.72
C TRP B 37 1.70 -2.61 11.04
N SER B 38 2.24 -3.31 12.04
CA SER B 38 2.43 -2.74 13.38
C SER B 38 3.87 -2.99 13.82
N LEU B 39 4.48 -1.96 14.42
CA LEU B 39 5.87 -2.10 14.91
C LEU B 39 5.85 -2.93 16.19
N VAL B 40 6.80 -3.84 16.31
CA VAL B 40 6.92 -4.59 17.58
C VAL B 40 8.26 -4.26 18.25
N ALA B 41 8.59 -4.96 19.33
CA ALA B 41 9.84 -4.65 20.03
C ALA B 41 11.01 -4.77 19.07
N PRO B 42 11.94 -3.83 19.08
CA PRO B 42 13.11 -3.92 18.22
C PRO B 42 14.10 -4.93 18.78
N MET B 43 14.96 -5.38 17.89
CA MET B 43 16.06 -6.24 18.26
C MET B 43 17.11 -5.49 19.06
N ASN B 44 17.94 -6.28 19.74
CA ASN B 44 19.09 -5.73 20.45
C ASN B 44 20.11 -5.13 19.48
N THR B 45 20.26 -5.75 18.32
CA THR B 45 21.31 -5.37 17.39
C THR B 45 20.68 -4.94 16.07
N ARG B 46 21.23 -3.88 15.43
CA ARG B 46 20.89 -3.55 14.05
C ARG B 46 21.38 -4.64 13.09
N ARG B 47 20.56 -5.09 12.14
CA ARG B 47 20.98 -6.21 11.29
C ARG B 47 20.38 -6.02 9.92
N SER B 48 21.19 -5.72 8.94
CA SER B 48 20.76 -5.88 7.55
C SER B 48 21.37 -7.16 6.98
N GLY B 49 20.76 -7.70 5.93
CA GLY B 49 21.32 -8.95 5.44
C GLY B 49 21.20 -10.05 6.46
N VAL B 50 20.10 -10.04 7.21
CA VAL B 50 19.84 -10.95 8.31
C VAL B 50 19.05 -12.15 7.82
N GLY B 51 19.33 -13.31 8.39
CA GLY B 51 18.52 -14.48 8.18
C GLY B 51 17.53 -14.68 9.32
N VAL B 52 16.32 -15.06 8.97
CA VAL B 52 15.28 -15.22 9.97
C VAL B 52 14.63 -16.58 9.82
N ALA B 53 14.36 -17.26 10.95
CA ALA B 53 13.55 -18.45 10.88
C ALA B 53 12.77 -18.63 12.18
N VAL B 54 11.77 -19.46 12.12
CA VAL B 54 10.87 -19.66 13.23
C VAL B 54 11.05 -21.07 13.72
N LEU B 55 11.20 -21.21 15.04
CA LEU B 55 11.35 -22.54 15.63
C LEU B 55 10.69 -22.51 16.98
N ASP B 56 9.62 -23.29 17.15
CA ASP B 56 9.07 -23.58 18.46
C ASP B 56 8.60 -22.30 19.13
N GLY B 57 7.90 -21.50 18.36
CA GLY B 57 7.24 -20.34 18.89
C GLY B 57 8.14 -19.13 19.03
N HIS B 58 9.40 -19.21 18.57
CA HIS B 58 10.28 -18.07 18.61
C HIS B 58 10.76 -17.73 17.21
N ILE B 59 11.02 -16.45 16.98
CA ILE B 59 11.65 -15.99 15.75
C ILE B 59 13.11 -15.80 16.04
N TYR B 60 13.96 -16.39 15.22
CA TYR B 60 15.40 -16.24 15.37
C TYR B 60 15.91 -15.31 14.30
N ALA B 61 16.64 -14.28 14.70
CA ALA B 61 17.38 -13.41 13.80
C ALA B 61 18.84 -13.80 13.87
N VAL B 62 19.39 -14.19 12.74
CA VAL B 62 20.71 -14.85 12.65
C VAL B 62 21.64 -13.95 11.84
N GLY B 63 22.73 -13.52 12.46
CA GLY B 63 23.74 -12.83 11.66
C GLY B 63 23.35 -11.44 11.21
N GLY B 64 23.84 -11.07 10.01
CA GLY B 64 23.55 -9.79 9.44
C GLY B 64 24.75 -8.87 9.56
N TYR B 65 24.47 -7.60 9.39
CA TYR B 65 25.53 -6.59 9.35
C TYR B 65 25.01 -5.37 10.07
N ASP B 66 25.75 -4.80 11.03
CA ASP B 66 25.16 -3.78 11.90
C ASP B 66 25.57 -2.37 11.57
N GLY B 67 26.21 -2.13 10.37
CA GLY B 67 26.74 -0.88 9.94
C GLY B 67 28.22 -0.74 10.18
N HIS B 68 28.80 -1.61 11.02
CA HIS B 68 30.23 -1.53 11.33
C HIS B 68 30.83 -2.95 11.27
N THR B 69 30.01 -3.96 11.58
CA THR B 69 30.48 -5.32 11.75
C THR B 69 29.56 -6.37 11.09
N HIS B 70 30.16 -7.38 10.47
CA HIS B 70 29.43 -8.61 10.11
C HIS B 70 29.26 -9.45 11.37
N LEU B 71 28.07 -9.98 11.58
CA LEU B 71 27.68 -10.47 12.91
C LEU B 71 27.69 -11.98 12.94
N ASN B 72 28.23 -12.54 14.05
CA ASN B 72 27.97 -13.92 14.39
C ASN B 72 26.86 -14.04 15.43
N SER B 73 26.34 -12.91 15.93
CA SER B 73 25.32 -12.99 16.98
C SER B 73 23.94 -13.39 16.42
N VAL B 74 23.15 -13.94 17.34
CA VAL B 74 21.84 -14.49 17.07
C VAL B 74 20.94 -14.06 18.22
N GLU B 75 19.70 -13.66 17.88
CA GLU B 75 18.78 -13.36 18.97
C GLU B 75 17.42 -13.92 18.66
N ALA B 76 16.66 -14.17 19.68
CA ALA B 76 15.37 -14.81 19.55
C ALA B 76 14.24 -14.00 20.16
N TYR B 77 13.10 -13.99 19.44
CA TYR B 77 11.95 -13.20 19.82
C TYR B 77 10.88 -14.09 20.41
N ASP B 78 10.42 -13.72 21.59
CA ASP B 78 9.29 -14.30 22.28
C ASP B 78 8.07 -13.41 22.06
N PRO B 79 7.10 -13.82 21.25
CA PRO B 79 5.98 -12.93 20.93
C PRO B 79 5.01 -12.76 22.06
N GLU B 80 4.94 -13.71 23.01
CA GLU B 80 4.06 -13.56 24.16
C GLU B 80 4.60 -12.50 25.11
N ARG B 81 5.92 -12.33 25.15
CA ARG B 81 6.54 -11.30 25.99
C ARG B 81 6.92 -10.03 25.21
N ASP B 82 6.93 -10.09 23.87
CA ASP B 82 7.43 -9.00 23.04
C ASP B 82 8.84 -8.61 23.43
N GLU B 83 9.74 -9.60 23.45
CA GLU B 83 11.10 -9.40 23.94
C GLU B 83 12.07 -10.15 23.06
N TRP B 84 13.26 -9.60 22.83
CA TRP B 84 14.33 -10.29 22.12
C TRP B 84 15.47 -10.59 23.08
N HIS B 85 15.99 -11.79 22.95
CA HIS B 85 17.12 -12.25 23.81
C HIS B 85 18.25 -12.79 22.94
N MET B 86 19.48 -12.47 23.32
CA MET B 86 20.63 -13.05 22.60
C MET B 86 20.73 -14.53 22.93
N VAL B 87 21.03 -15.31 21.91
CA VAL B 87 21.27 -16.74 22.15
C VAL B 87 22.72 -17.01 21.76
N THR B 88 23.11 -18.26 21.81
CA THR B 88 24.52 -18.54 21.57
C THR B 88 24.91 -18.09 20.17
N PRO B 89 26.01 -17.38 20.01
CA PRO B 89 26.44 -16.95 18.67
C PRO B 89 26.96 -18.09 17.82
N MET B 90 26.86 -17.85 16.49
CA MET B 90 27.43 -18.80 15.55
C MET B 90 28.95 -18.81 15.65
N ASN B 91 29.51 -19.87 15.07
CA ASN B 91 30.97 -19.96 14.92
C ASN B 91 31.52 -18.88 14.00
N THR B 92 30.77 -18.47 12.98
CA THR B 92 31.24 -17.63 11.90
C THR B 92 30.34 -16.42 11.81
N ARG B 93 30.93 -15.25 11.59
CA ARG B 93 30.14 -14.08 11.21
C ARG B 93 29.58 -14.25 9.81
N ARG B 94 28.30 -13.88 9.62
CA ARG B 94 27.60 -14.11 8.33
C ARG B 94 26.60 -13.00 8.11
N SER B 95 26.83 -12.17 7.11
CA SER B 95 25.74 -11.38 6.58
C SER B 95 25.31 -11.95 5.24
N GLY B 96 24.09 -11.64 4.86
CA GLY B 96 23.65 -12.23 3.59
C GLY B 96 23.50 -13.73 3.71
N VAL B 97 23.10 -14.18 4.88
CA VAL B 97 23.05 -15.59 5.26
C VAL B 97 21.65 -16.13 5.00
N GLY B 98 21.57 -17.38 4.59
CA GLY B 98 20.30 -18.06 4.41
C GLY B 98 20.01 -18.92 5.64
N VAL B 99 18.79 -18.96 6.07
CA VAL B 99 18.46 -19.67 7.31
C VAL B 99 17.26 -20.55 7.09
N ALA B 100 17.36 -21.82 7.53
CA ALA B 100 16.21 -22.69 7.41
C ALA B 100 16.10 -23.55 8.64
N VAL B 101 14.89 -24.06 8.87
CA VAL B 101 14.63 -24.94 10.01
C VAL B 101 14.27 -26.32 9.48
N LEU B 102 14.97 -27.31 9.99
CA LEU B 102 14.67 -28.69 9.63
C LEU B 102 14.90 -29.55 10.86
N ASN B 103 13.81 -30.16 11.35
CA ASN B 103 13.88 -31.26 12.31
C ASN B 103 14.56 -30.79 13.61
N GLY B 104 14.08 -29.66 14.09
CA GLY B 104 14.45 -29.21 15.38
C GLY B 104 15.73 -28.43 15.37
N HIS B 105 16.35 -28.24 14.20
CA HIS B 105 17.58 -27.47 14.14
C HIS B 105 17.47 -26.30 13.20
N ILE B 106 18.18 -25.21 13.52
CA ILE B 106 18.26 -24.06 12.62
C ILE B 106 19.55 -24.17 11.85
N TYR B 107 19.48 -24.10 10.53
CA TYR B 107 20.71 -24.11 9.71
C TYR B 107 21.01 -22.72 9.19
N ALA B 108 22.24 -22.28 9.38
CA ALA B 108 22.77 -21.04 8.80
C ALA B 108 23.68 -21.42 7.66
N VAL B 109 23.33 -20.98 6.48
CA VAL B 109 23.92 -21.44 5.23
C VAL B 109 24.64 -20.25 4.58
N GLY B 110 25.93 -20.42 4.33
CA GLY B 110 26.63 -19.42 3.54
C GLY B 110 26.66 -18.04 4.18
N GLY B 111 26.69 -17.01 3.33
CA GLY B 111 26.81 -15.68 3.77
C GLY B 111 28.18 -15.11 3.47
N TYR B 112 28.45 -14.00 4.14
CA TYR B 112 29.71 -13.25 3.91
C TYR B 112 30.28 -12.80 5.24
N ASP B 113 31.54 -13.15 5.44
CA ASP B 113 32.26 -12.61 6.60
C ASP B 113 33.19 -11.56 5.99
N GLY B 114 32.85 -10.29 6.14
CA GLY B 114 33.66 -9.21 5.59
C GLY B 114 34.72 -8.69 6.54
N SER B 115 34.99 -9.39 7.64
CA SER B 115 36.07 -8.91 8.52
C SER B 115 37.44 -9.14 7.87
N PRO B 116 38.41 -8.37 8.36
CA PRO B 116 39.76 -8.46 7.83
C PRO B 116 40.33 -9.88 7.97
N THR B 120 35.27 -12.89 3.22
CA THR B 120 35.09 -14.11 2.49
C THR B 120 33.62 -14.41 2.22
N HIS B 121 33.30 -14.76 0.98
CA HIS B 121 32.03 -15.42 0.70
C HIS B 121 32.05 -16.88 1.12
N LEU B 122 31.05 -17.30 1.85
CA LEU B 122 31.17 -18.55 2.59
C LEU B 122 30.49 -19.73 1.92
N ASN B 123 31.15 -20.88 1.94
CA ASN B 123 30.45 -22.14 1.70
C ASN B 123 30.14 -22.88 2.97
N SER B 124 30.56 -22.37 4.14
CA SER B 124 30.31 -23.13 5.35
C SER B 124 28.85 -23.03 5.79
N VAL B 125 28.45 -24.00 6.62
CA VAL B 125 27.11 -24.24 7.07
C VAL B 125 27.21 -24.66 8.50
N GLU B 126 26.32 -24.13 9.35
CA GLU B 126 26.29 -24.58 10.74
C GLU B 126 24.86 -24.73 11.21
N ALA B 127 24.68 -25.54 12.22
CA ALA B 127 23.36 -25.93 12.68
C ALA B 127 23.28 -25.66 14.18
N TYR B 128 22.14 -25.11 14.59
CA TYR B 128 21.85 -24.74 15.95
C TYR B 128 20.92 -25.76 16.57
N ASP B 129 21.31 -26.29 17.70
CA ASP B 129 20.49 -27.16 18.52
C ASP B 129 19.96 -26.31 19.66
N PRO B 130 18.66 -25.99 19.68
CA PRO B 130 18.16 -25.10 20.73
C PRO B 130 18.15 -25.76 22.11
N GLU B 131 18.15 -27.09 22.18
CA GLU B 131 18.13 -27.76 23.48
C GLU B 131 19.47 -27.57 24.17
N ARG B 132 20.53 -27.74 23.40
CA ARG B 132 21.90 -27.59 23.94
C ARG B 132 22.39 -26.14 23.78
N ASP B 133 21.66 -25.33 23.01
CA ASP B 133 22.05 -23.92 22.76
C ASP B 133 23.48 -23.92 22.23
N GLU B 134 23.72 -24.72 21.18
CA GLU B 134 25.06 -24.82 20.60
C GLU B 134 24.99 -24.82 19.09
N TRP B 135 25.97 -24.19 18.45
CA TRP B 135 26.07 -24.23 17.00
C TRP B 135 27.18 -25.19 16.61
N SER B 136 26.90 -26.05 15.63
CA SER B 136 27.88 -27.04 15.15
C SER B 136 28.07 -26.88 13.64
N LEU B 137 29.33 -26.93 13.20
CA LEU B 137 29.60 -26.90 11.74
C LEU B 137 29.14 -28.20 11.11
N VAL B 138 28.56 -28.09 9.92
CA VAL B 138 28.18 -29.32 9.16
C VAL B 138 28.86 -29.25 7.80
N ALA B 139 28.56 -30.23 6.95
CA ALA B 139 29.20 -30.25 5.63
C ALA B 139 29.05 -28.92 4.91
N PRO B 140 30.13 -28.37 4.34
CA PRO B 140 30.02 -27.14 3.55
C PRO B 140 29.41 -27.44 2.19
N MET B 141 28.83 -26.37 1.63
CA MET B 141 28.35 -26.47 0.26
C MET B 141 29.48 -26.60 -0.74
N ASN B 142 29.06 -27.04 -1.92
CA ASN B 142 29.97 -27.10 -3.04
C ASN B 142 30.45 -25.73 -3.50
N THR B 143 29.61 -24.71 -3.36
CA THR B 143 29.87 -23.37 -3.89
C THR B 143 29.71 -22.38 -2.75
N ARG B 144 30.63 -21.40 -2.69
CA ARG B 144 30.45 -20.27 -1.79
C ARG B 144 29.26 -19.43 -2.24
N ARG B 145 28.40 -19.00 -1.30
CA ARG B 145 27.17 -18.25 -1.67
C ARG B 145 26.87 -17.22 -0.60
N SER B 146 27.03 -15.94 -0.92
CA SER B 146 26.44 -14.91 -0.06
C SER B 146 25.18 -14.38 -0.73
N GLY B 147 24.30 -13.81 0.06
CA GLY B 147 23.03 -13.40 -0.56
C GLY B 147 22.27 -14.59 -1.10
N VAL B 148 22.30 -15.70 -0.38
CA VAL B 148 21.74 -16.99 -0.79
C VAL B 148 20.32 -17.12 -0.26
N GLY B 149 19.44 -17.75 -1.02
CA GLY B 149 18.10 -18.07 -0.51
C GLY B 149 18.07 -19.53 -0.10
N VAL B 150 17.37 -19.84 0.99
CA VAL B 150 17.35 -21.21 1.50
C VAL B 150 15.92 -21.63 1.78
N ALA B 151 15.56 -22.86 1.43
CA ALA B 151 14.25 -23.34 1.86
C ALA B 151 14.29 -24.82 2.04
N VAL B 152 13.33 -25.31 2.80
CA VAL B 152 13.29 -26.70 3.18
C VAL B 152 12.13 -27.35 2.47
N LEU B 153 12.41 -28.47 1.83
CA LEU B 153 11.33 -29.21 1.16
C LEU B 153 11.63 -30.69 1.25
N ASP B 154 10.68 -31.44 1.83
CA ASP B 154 10.76 -32.90 1.90
C ASP B 154 12.11 -33.41 2.39
N GLY B 155 12.53 -32.87 3.52
CA GLY B 155 13.66 -33.45 4.19
C GLY B 155 14.99 -32.94 3.68
N HIS B 156 14.98 -32.01 2.72
CA HIS B 156 16.23 -31.45 2.22
C HIS B 156 16.24 -29.94 2.37
N ILE B 157 17.41 -29.37 2.52
CA ILE B 157 17.59 -27.92 2.56
C ILE B 157 18.13 -27.54 1.21
N TYR B 158 17.47 -26.61 0.53
CA TYR B 158 17.95 -26.15 -0.76
C TYR B 158 18.62 -24.80 -0.60
N ALA B 159 19.81 -24.64 -1.16
CA ALA B 159 20.50 -23.37 -1.24
C ALA B 159 20.43 -22.88 -2.68
N VAL B 160 19.83 -21.71 -2.87
CA VAL B 160 19.44 -21.23 -4.17
C VAL B 160 20.20 -19.97 -4.48
N GLY B 161 20.94 -20.02 -5.59
CA GLY B 161 21.56 -18.74 -6.04
C GLY B 161 22.60 -18.22 -5.09
N GLY B 162 22.73 -16.89 -5.04
CA GLY B 162 23.75 -16.25 -4.25
C GLY B 162 24.89 -15.76 -5.11
N TYR B 163 25.97 -15.43 -4.44
CA TYR B 163 27.12 -14.77 -5.08
C TYR B 163 28.37 -15.41 -4.56
N ASP B 164 29.29 -15.84 -5.43
CA ASP B 164 30.41 -16.66 -4.95
C ASP B 164 31.71 -15.91 -4.80
N GLY B 165 31.65 -14.54 -4.91
CA GLY B 165 32.77 -13.63 -4.84
C GLY B 165 33.34 -13.27 -6.18
N HIS B 166 32.93 -13.99 -7.23
CA HIS B 166 33.26 -13.63 -8.61
C HIS B 166 31.99 -13.68 -9.51
N THR B 167 30.96 -14.49 -9.17
CA THR B 167 29.82 -14.71 -10.05
C THR B 167 28.46 -14.67 -9.32
N HIS B 168 27.45 -14.02 -9.92
CA HIS B 168 26.08 -14.21 -9.44
C HIS B 168 25.60 -15.57 -9.94
N LEU B 169 24.99 -16.34 -9.06
CA LEU B 169 24.80 -17.78 -9.33
C LEU B 169 23.38 -18.11 -9.76
N ASN B 170 23.26 -19.00 -10.75
CA ASN B 170 21.98 -19.68 -10.99
C ASN B 170 21.98 -21.08 -10.43
N SER B 171 23.08 -21.54 -9.82
CA SER B 171 23.13 -22.91 -9.37
C SER B 171 22.36 -23.08 -8.08
N VAL B 172 22.04 -24.32 -7.80
CA VAL B 172 21.18 -24.71 -6.67
C VAL B 172 21.72 -26.03 -6.16
N GLU B 173 21.81 -26.16 -4.83
CA GLU B 173 22.24 -27.44 -4.29
C GLU B 173 21.39 -27.80 -3.09
N ALA B 174 21.29 -29.11 -2.80
CA ALA B 174 20.39 -29.62 -1.78
C ALA B 174 21.18 -30.42 -0.76
N TYR B 175 20.84 -30.22 0.51
CA TYR B 175 21.49 -30.88 1.62
C TYR B 175 20.60 -31.96 2.19
N ASP B 176 21.17 -33.16 2.36
CA ASP B 176 20.56 -34.30 3.03
C ASP B 176 21.19 -34.41 4.41
N PRO B 177 20.45 -34.12 5.49
CA PRO B 177 21.04 -34.16 6.83
C PRO B 177 21.35 -35.55 7.32
N GLU B 178 20.67 -36.56 6.78
CA GLU B 178 20.93 -37.91 7.27
C GLU B 178 22.26 -38.41 6.75
N ARG B 179 22.63 -37.96 5.56
CA ARG B 179 23.93 -38.36 5.01
C ARG B 179 24.98 -37.27 5.21
N ASP B 180 24.57 -36.06 5.60
CA ASP B 180 25.46 -34.89 5.69
C ASP B 180 26.18 -34.62 4.37
N GLU B 181 25.40 -34.43 3.30
CA GLU B 181 25.97 -34.25 1.97
C GLU B 181 25.15 -33.25 1.20
N TRP B 182 25.82 -32.41 0.41
CA TRP B 182 25.25 -31.47 -0.52
C TRP B 182 25.37 -32.02 -1.94
N HIS B 183 24.30 -31.90 -2.69
CA HIS B 183 24.30 -32.38 -4.06
C HIS B 183 23.73 -31.28 -4.95
N MET B 184 24.30 -31.10 -6.14
CA MET B 184 23.81 -30.06 -7.04
C MET B 184 22.50 -30.53 -7.69
N VAL B 185 21.57 -29.57 -7.84
CA VAL B 185 20.20 -29.67 -8.37
C VAL B 185 20.21 -29.00 -9.78
N THR B 186 19.14 -29.12 -10.56
CA THR B 186 19.05 -28.31 -11.78
C THR B 186 19.15 -26.83 -11.47
N PRO B 187 19.93 -26.07 -12.24
CA PRO B 187 20.05 -24.63 -11.99
C PRO B 187 18.80 -23.89 -12.45
N MET B 188 18.67 -22.71 -11.88
CA MET B 188 17.61 -21.83 -12.28
C MET B 188 17.87 -21.26 -13.66
N ASN B 189 16.76 -20.73 -14.22
CA ASN B 189 16.86 -20.02 -15.50
C ASN B 189 17.69 -18.75 -15.37
N THR B 190 17.61 -18.06 -14.22
CA THR B 190 18.23 -16.74 -14.07
C THR B 190 19.26 -16.81 -12.93
N ARG B 191 20.42 -16.16 -13.09
CA ARG B 191 21.34 -15.91 -11.96
C ARG B 191 20.69 -14.96 -10.97
N ARG B 192 20.75 -15.26 -9.65
CA ARG B 192 20.05 -14.41 -8.68
C ARG B 192 20.87 -14.42 -7.40
N SER B 193 21.47 -13.30 -7.04
CA SER B 193 21.92 -13.09 -5.67
C SER B 193 20.94 -12.17 -4.94
N GLY B 194 20.93 -12.27 -3.62
CA GLY B 194 19.97 -11.44 -2.90
C GLY B 194 18.55 -11.86 -3.21
N VAL B 195 18.36 -13.17 -3.35
CA VAL B 195 17.12 -13.79 -3.79
C VAL B 195 16.32 -14.21 -2.59
N GLY B 196 15.00 -14.10 -2.68
CA GLY B 196 14.11 -14.63 -1.66
C GLY B 196 13.57 -15.98 -2.07
N VAL B 197 13.45 -16.88 -1.13
CA VAL B 197 13.03 -18.23 -1.46
C VAL B 197 11.93 -18.64 -0.50
N ALA B 198 10.88 -19.25 -1.04
CA ALA B 198 9.92 -19.90 -0.14
C ALA B 198 9.23 -21.07 -0.82
N VAL B 199 8.58 -21.87 -0.01
CA VAL B 199 8.05 -23.16 -0.42
C VAL B 199 6.55 -23.13 -0.31
N LEU B 200 5.89 -23.49 -1.39
CA LEU B 200 4.42 -23.48 -1.39
C LEU B 200 3.91 -24.61 -2.27
N ASN B 201 3.00 -25.44 -1.76
CA ASN B 201 2.36 -26.42 -2.64
C ASN B 201 3.39 -27.34 -3.29
N GLY B 202 4.44 -27.71 -2.57
CA GLY B 202 5.40 -28.64 -3.12
C GLY B 202 6.35 -28.07 -4.16
N HIS B 203 6.39 -26.75 -4.33
CA HIS B 203 7.38 -26.12 -5.20
C HIS B 203 8.20 -25.12 -4.42
N ILE B 204 9.43 -24.92 -4.85
CA ILE B 204 10.28 -23.86 -4.31
C ILE B 204 10.20 -22.69 -5.23
N TYR B 205 9.90 -21.52 -4.68
CA TYR B 205 9.87 -20.30 -5.48
C TYR B 205 11.08 -19.48 -5.20
N ALA B 206 11.76 -19.04 -6.27
CA ALA B 206 12.88 -18.10 -6.21
C ALA B 206 12.35 -16.75 -6.69
N VAL B 207 12.43 -15.75 -5.83
CA VAL B 207 11.74 -14.46 -6.02
C VAL B 207 12.76 -13.34 -6.13
N GLY B 208 12.77 -12.65 -7.28
CA GLY B 208 13.61 -11.46 -7.37
C GLY B 208 15.08 -11.80 -7.37
N GLY B 209 15.82 -10.85 -6.79
CA GLY B 209 17.28 -11.02 -6.76
C GLY B 209 17.99 -10.09 -7.71
N TYR B 210 19.27 -10.34 -7.87
CA TYR B 210 20.09 -9.46 -8.73
C TYR B 210 20.97 -10.32 -9.59
N ASP B 211 20.95 -10.05 -10.88
CA ASP B 211 21.91 -10.72 -11.79
C ASP B 211 23.05 -9.71 -12.03
N THR B 218 21.28 -6.42 -13.28
CA THR B 218 19.88 -6.13 -13.29
C THR B 218 19.13 -6.60 -11.96
N HIS B 219 18.43 -5.67 -11.30
CA HIS B 219 17.53 -6.06 -10.20
C HIS B 219 16.28 -6.67 -10.82
N LEU B 220 15.86 -7.80 -10.28
CA LEU B 220 14.88 -8.66 -10.96
C LEU B 220 13.47 -8.53 -10.38
N ASN B 221 12.47 -8.51 -11.27
CA ASN B 221 11.10 -8.78 -10.85
C ASN B 221 10.66 -10.16 -11.20
N SER B 222 11.52 -10.94 -11.87
CA SER B 222 11.09 -12.29 -12.25
C SER B 222 11.09 -13.25 -11.05
N VAL B 223 10.30 -14.31 -11.23
CA VAL B 223 10.05 -15.34 -10.23
C VAL B 223 10.05 -16.67 -10.94
N GLU B 224 10.72 -17.67 -10.36
CA GLU B 224 10.73 -19.00 -10.94
C GLU B 224 10.37 -20.03 -9.91
N ALA B 225 9.79 -21.13 -10.33
CA ALA B 225 9.39 -22.18 -9.42
C ALA B 225 10.06 -23.51 -9.80
N TYR B 226 10.46 -24.26 -8.78
CA TYR B 226 11.14 -25.53 -8.93
C TYR B 226 10.19 -26.65 -8.57
N ASP B 227 10.13 -27.66 -9.44
CA ASP B 227 9.41 -28.89 -9.23
C ASP B 227 10.44 -29.95 -8.90
N PRO B 228 10.53 -30.40 -7.65
CA PRO B 228 11.58 -31.38 -7.29
C PRO B 228 11.36 -32.74 -7.90
N GLU B 229 10.11 -33.14 -8.15
CA GLU B 229 9.84 -34.45 -8.73
C GLU B 229 10.45 -34.55 -10.11
N ARG B 230 10.34 -33.48 -10.89
CA ARG B 230 10.87 -33.52 -12.23
C ARG B 230 12.13 -32.67 -12.40
N ASP B 231 12.61 -32.05 -11.33
CA ASP B 231 13.93 -31.38 -11.29
C ASP B 231 14.03 -30.32 -12.38
N GLU B 232 13.04 -29.44 -12.42
CA GLU B 232 13.16 -28.31 -13.35
C GLU B 232 12.54 -27.04 -12.80
N TRP B 233 12.97 -25.92 -13.39
CA TRP B 233 12.58 -24.59 -12.97
C TRP B 233 11.78 -23.95 -14.09
N SER B 234 10.64 -23.35 -13.74
CA SER B 234 9.76 -22.62 -14.66
C SER B 234 9.57 -21.19 -14.21
N LEU B 235 9.63 -20.23 -15.16
CA LEU B 235 9.28 -18.87 -14.82
C LEU B 235 7.78 -18.77 -14.57
N VAL B 236 7.40 -18.03 -13.51
CA VAL B 236 6.00 -17.77 -13.23
C VAL B 236 5.77 -16.28 -13.36
N ALA B 237 4.57 -15.82 -13.04
CA ALA B 237 4.24 -14.41 -13.22
C ALA B 237 5.26 -13.55 -12.50
N PRO B 238 5.80 -12.50 -13.13
CA PRO B 238 6.75 -11.62 -12.43
C PRO B 238 6.03 -10.68 -11.49
N MET B 239 6.79 -10.24 -10.49
CA MET B 239 6.30 -9.25 -9.55
C MET B 239 6.06 -7.92 -10.26
N ASN B 240 5.29 -7.09 -9.60
CA ASN B 240 5.11 -5.71 -10.04
C ASN B 240 6.41 -4.91 -9.95
N THR B 241 7.24 -5.17 -8.95
CA THR B 241 8.41 -4.37 -8.67
C THR B 241 9.64 -5.27 -8.72
N ARG B 242 10.74 -4.72 -9.25
CA ARG B 242 12.06 -5.36 -9.11
C ARG B 242 12.52 -5.29 -7.68
N ARG B 243 13.05 -6.40 -7.16
CA ARG B 243 13.46 -6.45 -5.74
C ARG B 243 14.63 -7.38 -5.62
N SER B 244 15.78 -6.83 -5.25
CA SER B 244 16.86 -7.63 -4.70
C SER B 244 16.94 -7.43 -3.20
N GLY B 245 17.54 -8.36 -2.51
CA GLY B 245 17.56 -8.22 -1.06
C GLY B 245 16.16 -8.28 -0.47
N VAL B 246 15.28 -9.09 -1.08
CA VAL B 246 13.88 -9.18 -0.75
C VAL B 246 13.64 -10.28 0.27
N GLY B 247 12.72 -10.06 1.18
CA GLY B 247 12.29 -11.09 2.13
C GLY B 247 11.04 -11.76 1.59
N VAL B 248 10.90 -13.05 1.81
CA VAL B 248 9.76 -13.79 1.24
C VAL B 248 9.21 -14.73 2.30
N ALA B 249 7.88 -14.73 2.45
CA ALA B 249 7.34 -15.79 3.29
C ALA B 249 5.99 -16.19 2.78
N VAL B 250 5.55 -17.36 3.25
CA VAL B 250 4.30 -17.96 2.79
C VAL B 250 3.29 -17.93 3.93
N LEU B 251 2.09 -17.44 3.62
CA LEU B 251 1.02 -17.42 4.62
C LEU B 251 -0.30 -17.61 3.90
N ASP B 252 -1.00 -18.70 4.26
CA ASP B 252 -2.40 -18.88 3.91
C ASP B 252 -2.53 -19.00 2.38
N GLY B 253 -1.63 -19.74 1.77
CA GLY B 253 -1.76 -19.98 0.35
C GLY B 253 -1.16 -18.91 -0.51
N HIS B 254 -0.60 -17.85 0.08
CA HIS B 254 0.02 -16.77 -0.69
C HIS B 254 1.49 -16.62 -0.37
N ILE B 255 2.30 -16.20 -1.37
CA ILE B 255 3.69 -15.83 -1.14
C ILE B 255 3.76 -14.33 -1.03
N TYR B 256 4.37 -13.84 0.03
CA TYR B 256 4.56 -12.41 0.23
C TYR B 256 6.00 -12.04 -0.06
N ALA B 257 6.20 -11.03 -0.91
CA ALA B 257 7.49 -10.42 -1.22
C ALA B 257 7.53 -9.07 -0.54
N VAL B 258 8.49 -8.93 0.37
CA VAL B 258 8.49 -7.86 1.36
C VAL B 258 9.75 -7.03 1.10
N GLY B 259 9.58 -5.74 0.84
CA GLY B 259 10.79 -4.95 0.82
C GLY B 259 11.74 -5.24 -0.33
N GLY B 260 13.04 -4.94 -0.09
CA GLY B 260 14.04 -5.14 -1.09
C GLY B 260 14.55 -3.80 -1.64
N TYR B 261 15.22 -3.90 -2.77
CA TYR B 261 15.85 -2.76 -3.44
C TYR B 261 15.62 -2.85 -4.92
N ASP B 262 15.15 -1.75 -5.57
CA ASP B 262 14.73 -1.87 -6.97
C ASP B 262 15.71 -1.37 -7.99
N GLY B 263 16.96 -1.06 -7.55
CA GLY B 263 18.04 -0.48 -8.30
C GLY B 263 18.10 1.02 -8.22
N HIS B 264 17.08 1.65 -7.65
CA HIS B 264 17.07 3.08 -7.37
C HIS B 264 16.57 3.37 -5.95
N THR B 265 15.79 2.50 -5.33
CA THR B 265 15.07 2.81 -4.11
C THR B 265 15.06 1.61 -3.14
N HIS B 266 15.30 1.85 -1.85
CA HIS B 266 14.97 0.86 -0.84
C HIS B 266 13.47 0.84 -0.58
N LEU B 267 12.89 -0.34 -0.60
CA LEU B 267 11.44 -0.45 -0.71
C LEU B 267 10.74 -0.69 0.62
N ASN B 268 9.64 0.00 0.81
CA ASN B 268 8.69 -0.42 1.84
C ASN B 268 7.50 -1.16 1.23
N SER B 269 7.46 -1.32 -0.09
CA SER B 269 6.28 -1.97 -0.65
C SER B 269 6.33 -3.47 -0.47
N VAL B 270 5.14 -4.08 -0.56
CA VAL B 270 4.88 -5.47 -0.30
C VAL B 270 3.90 -5.94 -1.35
N GLU B 271 4.11 -7.16 -1.85
CA GLU B 271 3.11 -7.74 -2.76
C GLU B 271 2.96 -9.22 -2.52
N ALA B 272 1.82 -9.73 -2.90
CA ALA B 272 1.45 -11.10 -2.58
C ALA B 272 1.05 -11.81 -3.85
N TYR B 273 1.48 -13.08 -3.96
CA TYR B 273 1.31 -13.93 -5.10
C TYR B 273 0.22 -14.94 -4.77
N ASP B 274 -0.73 -15.06 -5.65
CA ASP B 274 -1.75 -16.07 -5.54
C ASP B 274 -1.48 -17.12 -6.61
N PRO B 275 -1.06 -18.32 -6.24
CA PRO B 275 -0.69 -19.32 -7.25
C PRO B 275 -1.86 -19.75 -8.12
N GLU B 276 -3.09 -19.63 -7.62
CA GLU B 276 -4.23 -20.15 -8.35
C GLU B 276 -4.62 -19.22 -9.49
N ARG B 277 -4.25 -17.95 -9.37
CA ARG B 277 -4.50 -16.95 -10.45
C ARG B 277 -3.17 -16.59 -11.12
N ASP B 278 -2.04 -17.00 -10.55
CA ASP B 278 -0.70 -16.66 -11.08
C ASP B 278 -0.64 -15.13 -11.22
N GLU B 279 -0.96 -14.44 -10.12
CA GLU B 279 -0.99 -12.97 -10.15
C GLU B 279 -0.37 -12.41 -8.88
N TRP B 280 0.39 -11.33 -9.01
CA TRP B 280 0.93 -10.61 -7.87
C TRP B 280 0.07 -9.36 -7.65
N HIS B 281 -0.28 -9.09 -6.39
CA HIS B 281 -1.04 -7.87 -6.08
C HIS B 281 -0.34 -7.11 -4.96
N MET B 282 -0.31 -5.79 -5.06
CA MET B 282 0.30 -5.01 -3.98
C MET B 282 -0.55 -5.08 -2.74
N VAL B 283 0.11 -5.08 -1.58
CA VAL B 283 -0.67 -4.96 -0.33
C VAL B 283 -0.10 -3.79 0.48
N THR B 284 -0.60 -3.57 1.69
CA THR B 284 -0.20 -2.38 2.45
C THR B 284 1.32 -2.33 2.61
N PRO B 285 1.97 -1.20 2.35
CA PRO B 285 3.41 -1.10 2.56
C PRO B 285 3.73 -1.07 4.03
N MET B 286 5.00 -1.44 4.29
CA MET B 286 5.50 -1.35 5.64
C MET B 286 5.69 0.11 6.04
N ASN B 287 5.83 0.30 7.35
CA ASN B 287 6.17 1.58 7.90
C ASN B 287 7.56 2.06 7.51
N THR B 288 8.51 1.15 7.35
CA THR B 288 9.91 1.47 7.09
C THR B 288 10.37 0.79 5.82
N ARG B 289 11.19 1.48 5.03
CA ARG B 289 11.85 0.86 3.86
C ARG B 289 12.91 -0.11 4.37
N ARG B 290 12.99 -1.31 3.78
CA ARG B 290 13.93 -2.35 4.26
C ARG B 290 14.44 -3.14 3.07
N SER B 291 15.73 -3.00 2.74
CA SER B 291 16.36 -4.00 1.87
C SER B 291 17.23 -4.91 2.71
N GLY B 292 17.48 -6.11 2.22
CA GLY B 292 18.24 -7.01 3.08
C GLY B 292 17.48 -7.37 4.34
N VAL B 293 16.20 -7.53 4.20
CA VAL B 293 15.25 -7.73 5.28
C VAL B 293 15.01 -9.21 5.46
N GLY B 294 14.80 -9.61 6.70
CA GLY B 294 14.43 -11.01 6.96
C GLY B 294 12.95 -11.08 7.28
N VAL B 295 12.32 -12.16 6.85
CA VAL B 295 10.85 -12.29 7.06
C VAL B 295 10.54 -13.66 7.65
N ALA B 296 9.58 -13.66 8.55
CA ALA B 296 9.17 -14.90 9.20
C ALA B 296 7.66 -14.88 9.39
N VAL B 297 7.07 -16.05 9.34
CA VAL B 297 5.66 -16.14 9.64
C VAL B 297 5.48 -16.85 10.95
N LEU B 298 4.72 -16.24 11.86
CA LEU B 298 4.40 -16.88 13.13
C LEU B 298 2.99 -16.56 13.51
#